data_5EVK
#
_entry.id   5EVK
#
_cell.length_a   104.980
_cell.length_b   104.980
_cell.length_c   98.465
_cell.angle_alpha   90.00
_cell.angle_beta   90.00
_cell.angle_gamma   120.00
#
_symmetry.space_group_name_H-M   'P 64 2 2'
#
loop_
_entity.id
_entity.type
_entity.pdbx_description
1 polymer 'Metallo-beta-lactamase L1'
2 non-polymer '(3R,5R,7aS)-5-(sulfanylmethyl)tetrahydro[1,3]thiazolo[4,3-b][1,3]thiazole-3-carboxylic acid'
3 non-polymer 'SULFATE ION'
4 non-polymer 'ZINC ION'
5 water water
#
_entity_poly.entity_id   1
_entity_poly.type   'polypeptide(L)'
_entity_poly.pdbx_seq_one_letter_code
;GPAEVPLPQLRAYTVDASWLQPMAPLQIADHTWQIGTEDLTALLVQTPDGAVLLDGGMPQMASHLLDNMKARGVTPRDLR
LILLSHAHADHAGPVAELKRRTGAKVAANAESAVLLARGGSDDLHFGDGITYPPANADRIVMDGEVITVGGIVFTAHFMA
GHTPGSTAWTWTDTRNGKPVRIAYADSLSAPGYQLQGNPRYPHLIEDYRRSFATVRALPCDVLLTPHPGASNWDYAAGAR
AGAKALTCKAYADAAEQKFDGQLAKETAGAR
;
_entity_poly.pdbx_strand_id   A
#
loop_
_chem_comp.id
_chem_comp.type
_chem_comp.name
_chem_comp.formula
3C7 non-polymer '(3R,5R,7aS)-5-(sulfanylmethyl)tetrahydro[1,3]thiazolo[4,3-b][1,3]thiazole-3-carboxylic acid' 'C7 H11 N O2 S3'
SO4 non-polymer 'SULFATE ION' 'O4 S -2'
ZN non-polymer 'ZINC ION' 'Zn 2'
#
# COMPACT_ATOMS: atom_id res chain seq x y z
N GLU A 4 -7.85 -39.81 18.64
CA GLU A 4 -7.46 -38.54 19.22
C GLU A 4 -6.90 -37.68 18.14
N VAL A 5 -7.56 -36.55 18.03
CA VAL A 5 -7.23 -35.58 17.01
C VAL A 5 -6.87 -34.29 17.67
N PRO A 6 -5.62 -33.83 17.47
CA PRO A 6 -5.30 -32.56 18.12
C PRO A 6 -5.81 -31.40 17.33
N LEU A 7 -5.85 -30.24 17.98
CA LEU A 7 -6.16 -29.01 17.27
C LEU A 7 -5.13 -28.82 16.16
N PRO A 8 -5.50 -28.13 15.06
CA PRO A 8 -4.54 -27.92 13.96
C PRO A 8 -3.39 -27.05 14.37
N GLN A 9 -2.23 -27.24 13.74
CA GLN A 9 -1.11 -26.31 13.92
C GLN A 9 -1.49 -24.95 13.38
N LEU A 10 -0.85 -23.92 13.93
CA LEU A 10 -0.98 -22.62 13.27
C LEU A 10 -0.42 -22.68 11.84
N ARG A 11 -1.05 -21.95 10.93
CA ARG A 11 -0.63 -21.93 9.54
C ARG A 11 -0.03 -20.58 9.22
N ALA A 12 1.15 -20.59 8.63
CA ALA A 12 1.82 -19.34 8.39
C ALA A 12 1.20 -18.72 7.17
N TYR A 13 1.34 -17.40 7.08
CA TYR A 13 0.87 -16.66 5.94
C TYR A 13 1.89 -16.76 4.81
N THR A 14 1.65 -17.69 3.88
CA THR A 14 2.57 -17.91 2.76
C THR A 14 2.00 -17.30 1.48
N VAL A 15 2.90 -16.90 0.59
CA VAL A 15 2.57 -16.06 -0.56
C VAL A 15 3.35 -16.56 -1.79
N ASP A 16 2.94 -16.09 -2.97
CA ASP A 16 3.66 -16.40 -4.20
C ASP A 16 5.11 -15.97 -4.10
N ALA A 17 6.00 -16.76 -4.68
CA ALA A 17 7.41 -16.45 -4.57
C ALA A 17 7.76 -15.08 -5.13
N SER A 18 7.05 -14.64 -6.18
CA SER A 18 7.37 -13.32 -6.76
C SER A 18 7.14 -12.20 -5.75
N TRP A 19 6.25 -12.40 -4.80
CA TRP A 19 6.00 -11.40 -3.77
C TRP A 19 7.23 -11.22 -2.89
N LEU A 20 8.08 -12.23 -2.88
CA LEU A 20 9.22 -12.26 -1.96
C LEU A 20 10.54 -12.18 -2.72
N GLN A 21 10.45 -11.89 -4.01
CA GLN A 21 11.65 -11.85 -4.85
C GLN A 21 12.31 -10.46 -4.84
N PRO A 22 13.47 -10.32 -4.17
CA PRO A 22 14.14 -9.03 -4.14
C PRO A 22 14.45 -8.46 -5.53
N MET A 23 14.36 -7.13 -5.65
CA MET A 23 14.81 -6.41 -6.86
C MET A 23 15.63 -5.21 -6.42
N ALA A 24 16.56 -4.77 -7.27
CA ALA A 24 17.24 -3.51 -7.05
C ALA A 24 16.29 -2.35 -7.22
N PRO A 25 16.68 -1.18 -6.73
CA PRO A 25 15.84 0.00 -6.85
C PRO A 25 15.52 0.36 -8.30
N LEU A 26 14.25 0.62 -8.58
CA LEU A 26 13.77 0.98 -9.92
C LEU A 26 13.25 2.40 -9.85
N GLN A 27 13.89 3.32 -10.57
CA GLN A 27 13.43 4.70 -10.55
C GLN A 27 12.08 4.92 -11.25
N ILE A 28 11.14 5.59 -10.55
CA ILE A 28 9.86 5.99 -11.10
C ILE A 28 9.84 7.46 -11.58
N ALA A 29 10.43 8.35 -10.77
CA ALA A 29 10.57 9.76 -11.13
C ALA A 29 11.79 10.33 -10.41
N ASP A 30 12.05 11.65 -10.49
CA ASP A 30 13.34 12.15 -10.02
C ASP A 30 13.64 11.80 -8.56
N HIS A 31 12.61 11.74 -7.71
CA HIS A 31 12.82 11.54 -6.29
C HIS A 31 12.22 10.22 -5.78
N THR A 32 11.64 9.42 -6.69
CA THR A 32 10.76 8.31 -6.29
C THR A 32 11.22 6.99 -6.87
N TRP A 33 11.42 5.99 -6.01
CA TRP A 33 11.95 4.69 -6.40
C TRP A 33 11.15 3.53 -5.85
N GLN A 34 10.98 2.49 -6.66
CA GLN A 34 10.46 1.25 -6.15
C GLN A 34 11.60 0.45 -5.55
N ILE A 35 11.49 0.08 -4.26
CA ILE A 35 12.64 -0.61 -3.61
C ILE A 35 12.19 -1.91 -2.92
N GLY A 36 10.99 -2.37 -3.25
CA GLY A 36 10.49 -3.59 -2.66
C GLY A 36 10.88 -4.84 -3.45
N THR A 37 9.89 -5.70 -3.67
CA THR A 37 10.14 -6.94 -4.39
C THR A 37 9.49 -6.89 -5.77
N GLU A 38 9.66 -7.94 -6.57
CA GLU A 38 9.09 -7.94 -7.91
C GLU A 38 7.59 -7.67 -7.87
N ASP A 39 6.90 -8.22 -6.87
CA ASP A 39 5.39 -8.16 -6.88
C ASP A 39 4.82 -7.50 -5.64
N LEU A 40 5.66 -6.82 -4.82
CA LEU A 40 5.08 -5.93 -3.79
C LEU A 40 5.76 -4.56 -3.83
N THR A 41 4.94 -3.52 -3.89
CA THR A 41 5.44 -2.14 -3.95
C THR A 41 5.93 -1.68 -2.59
N ALA A 42 7.08 -0.99 -2.62
CA ALA A 42 7.54 -0.24 -1.44
C ALA A 42 8.23 0.95 -2.04
N LEU A 43 7.68 2.11 -1.85
CA LEU A 43 8.17 3.28 -2.58
C LEU A 43 9.06 4.13 -1.66
N LEU A 44 10.22 4.46 -2.14
CA LEU A 44 11.12 5.33 -1.40
C LEU A 44 11.10 6.71 -2.09
N VAL A 45 10.80 7.75 -1.31
CA VAL A 45 10.86 9.10 -1.86
C VAL A 45 11.97 9.83 -1.13
N GLN A 46 13.02 10.23 -1.87
CA GLN A 46 14.20 10.93 -1.31
C GLN A 46 14.14 12.43 -1.48
N THR A 47 14.32 13.20 -0.40
CA THR A 47 14.30 14.64 -0.44
C THR A 47 15.57 15.18 0.20
N PRO A 48 15.86 16.49 0.04
CA PRO A 48 17.03 17.04 0.71
C PRO A 48 16.86 17.11 2.20
N ASP A 49 15.72 16.68 2.71
CA ASP A 49 15.47 16.79 4.16
C ASP A 49 14.91 15.47 4.64
N GLY A 50 15.48 14.36 4.13
CA GLY A 50 15.14 13.03 4.60
C GLY A 50 14.32 12.24 3.61
N ALA A 51 14.08 10.96 3.92
CA ALA A 51 13.31 10.07 3.06
C ALA A 51 12.02 9.59 3.64
N VAL A 52 11.11 9.25 2.74
CA VAL A 52 9.77 8.70 3.07
C VAL A 52 9.69 7.33 2.45
N LEU A 53 9.13 6.38 3.21
CA LEU A 53 8.80 5.08 2.65
C LEU A 53 7.28 4.93 2.62
N LEU A 54 6.73 4.53 1.48
CA LEU A 54 5.31 4.23 1.39
C LEU A 54 5.20 2.73 1.18
N ASP A 55 4.70 2.08 2.23
CA ASP A 55 4.59 0.60 2.39
C ASP A 55 5.98 -0.09 2.50
N GLY A 56 5.99 -1.25 3.13
CA GLY A 56 7.20 -2.07 3.27
C GLY A 56 7.03 -3.49 2.76
N GLY A 57 5.82 -3.87 2.38
CA GLY A 57 5.63 -5.24 1.93
C GLY A 57 5.46 -6.22 3.08
N MET A 58 5.97 -7.42 2.92
CA MET A 58 5.92 -8.49 3.91
C MET A 58 6.87 -8.34 5.07
N PRO A 59 6.59 -9.02 6.19
CA PRO A 59 7.44 -8.84 7.38
C PRO A 59 8.93 -9.15 7.13
N GLN A 60 9.17 -10.14 6.26
CA GLN A 60 10.55 -10.57 6.15
C GLN A 60 11.35 -9.67 5.17
N MET A 61 10.71 -8.63 4.63
CA MET A 61 11.41 -7.70 3.72
C MET A 61 12.21 -6.57 4.40
N ALA A 62 12.19 -6.49 5.75
CA ALA A 62 12.84 -5.35 6.40
C ALA A 62 14.30 -5.15 5.98
N SER A 63 15.09 -6.22 6.03
CA SER A 63 16.50 -6.03 5.74
C SER A 63 16.73 -5.69 4.28
N HIS A 64 15.95 -6.28 3.39
CA HIS A 64 16.11 -5.96 1.98
C HIS A 64 15.82 -4.47 1.72
N LEU A 65 14.75 -3.95 2.36
CA LEU A 65 14.42 -2.54 2.25
C LEU A 65 15.58 -1.67 2.73
N LEU A 66 16.13 -2.01 3.88
CA LEU A 66 17.28 -1.27 4.41
C LEU A 66 18.50 -1.33 3.48
N ASP A 67 18.72 -2.47 2.84
CA ASP A 67 19.80 -2.57 1.85
C ASP A 67 19.58 -1.64 0.68
N ASN A 68 18.34 -1.64 0.15
CA ASN A 68 18.05 -0.78 -0.98
C ASN A 68 18.13 0.69 -0.61
N MET A 69 17.67 1.07 0.58
CA MET A 69 17.83 2.46 1.04
C MET A 69 19.32 2.84 1.03
N LYS A 70 20.14 1.96 1.55
CA LYS A 70 21.59 2.21 1.62
C LYS A 70 22.14 2.40 0.23
N ALA A 71 21.72 1.53 -0.71
CA ALA A 71 22.16 1.65 -2.10
C ALA A 71 21.77 3.00 -2.72
N ARG A 72 20.68 3.57 -2.24
CA ARG A 72 20.20 4.87 -2.65
C ARG A 72 20.81 6.07 -1.91
N GLY A 73 21.62 5.83 -0.91
CA GLY A 73 22.21 6.91 -0.15
C GLY A 73 21.48 7.25 1.14
N VAL A 74 20.48 6.44 1.50
CA VAL A 74 19.62 6.72 2.63
C VAL A 74 20.02 5.83 3.80
N THR A 75 20.60 6.42 4.85
CA THR A 75 20.90 5.65 6.04
C THR A 75 19.66 5.49 6.94
N PRO A 76 19.76 4.61 7.93
CA PRO A 76 18.59 4.43 8.83
C PRO A 76 18.16 5.75 9.48
N ARG A 77 19.10 6.60 9.81
CA ARG A 77 18.69 7.83 10.43
C ARG A 77 18.04 8.79 9.47
N ASP A 78 18.24 8.61 8.18
CA ASP A 78 17.66 9.49 7.16
C ASP A 78 16.21 9.16 6.85
N LEU A 79 15.75 7.96 7.21
CA LEU A 79 14.38 7.63 6.94
C LEU A 79 13.47 8.29 7.99
N ARG A 80 12.64 9.22 7.54
CA ARG A 80 11.89 10.06 8.49
C ARG A 80 10.45 9.61 8.72
N LEU A 81 9.86 9.01 7.69
CA LEU A 81 8.41 8.86 7.67
C LEU A 81 8.06 7.58 6.93
N ILE A 82 7.17 6.80 7.52
CA ILE A 82 6.53 5.66 6.85
C ILE A 82 5.05 5.98 6.71
N LEU A 83 4.56 5.88 5.49
CA LEU A 83 3.12 5.98 5.13
C LEU A 83 2.65 4.64 4.65
N LEU A 84 1.34 4.37 4.78
CA LEU A 84 0.83 3.04 4.38
C LEU A 84 -0.37 3.17 3.44
N SER A 85 -0.51 2.22 2.51
CA SER A 85 -1.73 2.12 1.71
C SER A 85 -2.83 1.48 2.59
N HIS A 86 -2.58 0.26 3.06
CA HIS A 86 -3.42 -0.35 4.09
C HIS A 86 -2.64 -1.32 4.98
N ALA A 87 -3.15 -1.54 6.19
CA ALA A 87 -2.38 -2.27 7.19
C ALA A 87 -2.62 -3.76 7.22
N HIS A 88 -2.50 -4.36 6.04
CA HIS A 88 -2.41 -5.81 5.93
C HIS A 88 -0.95 -6.26 5.97
N ALA A 89 -0.76 -7.54 6.27
CA ALA A 89 0.58 -8.10 6.50
C ALA A 89 1.54 -7.96 5.31
N ASP A 90 0.97 -7.92 4.11
CA ASP A 90 1.79 -7.91 2.90
C ASP A 90 2.14 -6.51 2.45
N HIS A 91 1.79 -5.54 3.27
CA HIS A 91 2.11 -4.15 2.97
C HIS A 91 2.68 -3.44 4.19
N ALA A 92 2.19 -3.78 5.38
CA ALA A 92 2.71 -3.14 6.58
C ALA A 92 3.58 -4.13 7.37
N GLY A 93 3.83 -5.31 6.78
CA GLY A 93 4.50 -6.36 7.52
C GLY A 93 5.73 -5.98 8.34
N PRO A 94 6.70 -5.24 7.74
CA PRO A 94 7.96 -4.98 8.44
C PRO A 94 7.98 -3.65 9.17
N VAL A 95 6.80 -3.01 9.29
CA VAL A 95 6.81 -1.67 9.86
C VAL A 95 7.38 -1.62 11.28
N ALA A 96 6.99 -2.57 12.13
CA ALA A 96 7.50 -2.55 13.52
C ALA A 96 9.02 -2.62 13.54
N GLU A 97 9.56 -3.50 12.72
CA GLU A 97 11.00 -3.69 12.71
C GLU A 97 11.73 -2.47 12.13
N LEU A 98 11.13 -1.89 11.08
CA LEU A 98 11.72 -0.67 10.49
C LEU A 98 11.77 0.45 11.53
N LYS A 99 10.72 0.55 12.37
CA LYS A 99 10.72 1.58 13.42
C LYS A 99 11.84 1.32 14.42
N ARG A 100 12.09 0.07 14.75
CA ARG A 100 13.18 -0.28 15.69
C ARG A 100 14.56 0.04 15.11
N ARG A 101 14.71 -0.09 13.79
CA ARG A 101 16.01 -0.08 13.15
C ARG A 101 16.30 1.25 12.44
N THR A 102 15.35 2.17 12.44
CA THR A 102 15.55 3.44 11.77
C THR A 102 15.00 4.59 12.58
N GLY A 103 15.18 5.80 12.06
CA GLY A 103 14.52 6.95 12.65
C GLY A 103 13.04 7.16 12.32
N ALA A 104 12.46 6.23 11.60
CA ALA A 104 11.18 6.51 10.97
C ALA A 104 10.02 6.54 11.96
N LYS A 105 9.12 7.44 11.69
CA LYS A 105 7.86 7.52 12.44
C LYS A 105 6.76 7.21 11.46
N VAL A 106 5.65 6.65 11.93
CA VAL A 106 4.51 6.27 11.10
C VAL A 106 3.38 7.29 11.16
N ALA A 107 2.86 7.71 9.99
CA ALA A 107 1.63 8.54 9.96
C ALA A 107 0.56 7.72 9.27
N ALA A 108 -0.62 7.64 9.87
CA ALA A 108 -1.70 6.87 9.29
C ALA A 108 -3.03 7.39 9.80
N ASN A 109 -4.10 7.02 9.10
CA ASN A 109 -5.42 7.37 9.63
C ASN A 109 -5.82 6.45 10.79
N ALA A 110 -6.87 6.84 11.51
CA ALA A 110 -7.22 6.12 12.71
C ALA A 110 -7.50 4.64 12.48
N GLU A 111 -8.19 4.37 11.38
CA GLU A 111 -8.55 2.98 11.09
C GLU A 111 -7.26 2.18 10.86
N SER A 112 -6.36 2.70 10.04
CA SER A 112 -5.12 1.96 9.85
C SER A 112 -4.27 1.85 11.09
N ALA A 113 -4.27 2.89 11.94
CA ALA A 113 -3.52 2.85 13.16
C ALA A 113 -4.02 1.75 14.07
N VAL A 114 -5.35 1.60 14.21
CA VAL A 114 -5.84 0.60 15.17
C VAL A 114 -5.57 -0.81 14.62
N LEU A 115 -5.61 -0.97 13.32
CA LEU A 115 -5.38 -2.31 12.75
C LEU A 115 -3.88 -2.63 12.84
N LEU A 116 -3.04 -1.63 12.57
CA LEU A 116 -1.58 -1.78 12.70
C LEU A 116 -1.19 -2.14 14.16
N ALA A 117 -1.83 -1.48 15.13
CA ALA A 117 -1.53 -1.69 16.53
C ALA A 117 -1.94 -3.07 17.00
N ARG A 118 -2.87 -3.73 16.29
CA ARG A 118 -3.16 -5.09 16.70
C ARG A 118 -2.49 -6.11 15.73
N GLY A 119 -1.51 -5.62 14.96
CA GLY A 119 -0.77 -6.50 14.04
C GLY A 119 -1.67 -7.24 13.04
N GLY A 120 -2.75 -6.59 12.61
CA GLY A 120 -3.65 -7.18 11.63
C GLY A 120 -4.55 -8.30 12.18
N SER A 121 -4.52 -8.52 13.48
CA SER A 121 -5.41 -9.53 14.07
C SER A 121 -6.83 -9.00 14.16
N ASP A 122 -7.74 -9.93 14.35
CA ASP A 122 -9.22 -9.61 14.34
C ASP A 122 -9.57 -8.74 13.13
N ASP A 123 -9.04 -9.12 11.98
CA ASP A 123 -9.39 -8.52 10.72
C ASP A 123 -10.88 -8.72 10.41
N LEU A 124 -11.53 -7.71 9.80
CA LEU A 124 -12.97 -7.81 9.62
C LEU A 124 -13.34 -9.01 8.77
N HIS A 125 -12.43 -9.43 7.88
CA HIS A 125 -12.72 -10.54 6.99
C HIS A 125 -11.86 -11.80 7.17
N PHE A 126 -10.61 -11.60 7.59
CA PHE A 126 -9.61 -12.66 7.67
C PHE A 126 -9.45 -13.23 9.06
N GLY A 127 -10.04 -12.58 10.05
CA GLY A 127 -9.87 -13.02 11.43
C GLY A 127 -8.43 -12.87 11.88
N ASP A 128 -7.84 -13.98 12.35
CA ASP A 128 -6.41 -13.97 12.73
C ASP A 128 -5.53 -14.69 11.74
N GLY A 129 -6.01 -14.81 10.50
CA GLY A 129 -5.29 -15.62 9.54
C GLY A 129 -4.07 -14.96 8.94
N ILE A 130 -4.01 -13.64 9.00
CA ILE A 130 -2.94 -12.92 8.37
C ILE A 130 -2.48 -11.83 9.32
N THR A 131 -1.63 -12.21 10.27
CA THR A 131 -1.15 -11.27 11.31
C THR A 131 0.33 -10.95 11.10
N TYR A 132 0.81 -9.93 11.78
CA TYR A 132 2.20 -9.51 11.62
C TYR A 132 2.56 -8.73 12.88
N PRO A 133 3.83 -8.39 13.07
CA PRO A 133 4.21 -7.71 14.33
C PRO A 133 3.53 -6.34 14.51
N PRO A 134 2.90 -6.11 15.65
CA PRO A 134 2.17 -4.83 15.75
C PRO A 134 3.08 -3.61 15.84
N ALA A 135 2.53 -2.46 15.43
CA ALA A 135 3.32 -1.22 15.55
C ALA A 135 2.38 -0.11 15.88
N ASN A 136 2.93 0.94 16.49
CA ASN A 136 2.14 2.11 16.85
C ASN A 136 2.31 3.22 15.81
N ALA A 137 1.23 3.92 15.47
CA ALA A 137 1.34 5.15 14.67
C ALA A 137 1.81 6.29 15.54
N ASP A 138 2.62 7.19 14.97
CA ASP A 138 3.11 8.36 15.68
C ASP A 138 2.29 9.62 15.41
N ARG A 139 1.56 9.60 14.30
CA ARG A 139 0.74 10.72 13.87
C ARG A 139 -0.52 10.16 13.24
N ILE A 140 -1.67 10.71 13.60
CA ILE A 140 -2.94 10.31 12.98
C ILE A 140 -3.31 11.36 11.91
N VAL A 141 -3.60 10.92 10.69
CA VAL A 141 -3.98 11.88 9.64
C VAL A 141 -5.48 11.75 9.30
N MET A 142 -6.02 12.89 8.87
CA MET A 142 -7.42 13.01 8.46
C MET A 142 -7.51 13.04 6.95
N ASP A 143 -8.71 12.83 6.43
CA ASP A 143 -8.86 12.77 4.96
C ASP A 143 -8.48 14.12 4.37
N GLY A 144 -7.62 14.09 3.35
CA GLY A 144 -7.23 15.31 2.66
C GLY A 144 -6.10 16.02 3.34
N GLU A 145 -5.65 15.51 4.49
CA GLU A 145 -4.52 16.16 5.17
C GLU A 145 -3.18 15.97 4.43
N VAL A 146 -2.30 16.97 4.54
CA VAL A 146 -0.99 16.94 3.84
C VAL A 146 0.14 16.72 4.82
N ILE A 147 1.14 16.00 4.36
CA ILE A 147 2.38 15.90 5.11
C ILE A 147 3.47 16.28 4.16
N THR A 148 4.33 17.18 4.61
CA THR A 148 5.38 17.66 3.76
C THR A 148 6.75 17.21 4.26
N VAL A 149 7.58 16.66 3.38
CA VAL A 149 8.91 16.23 3.80
C VAL A 149 9.91 16.71 2.76
N GLY A 150 10.97 17.41 3.23
CA GLY A 150 12.04 17.89 2.37
C GLY A 150 11.42 18.60 1.19
N GLY A 151 10.29 19.24 1.43
CA GLY A 151 9.49 19.86 0.39
C GLY A 151 8.74 19.05 -0.64
N ILE A 152 8.57 17.74 -0.45
CA ILE A 152 7.63 16.98 -1.27
C ILE A 152 6.31 16.90 -0.47
N VAL A 153 5.19 17.21 -1.12
CA VAL A 153 3.90 17.32 -0.38
C VAL A 153 3.05 16.06 -0.68
N PHE A 154 2.80 15.27 0.37
CA PHE A 154 1.96 14.08 0.28
C PHE A 154 0.56 14.36 0.78
N THR A 155 -0.48 14.01 0.00
CA THR A 155 -1.86 14.22 0.40
C THR A 155 -2.54 12.88 0.56
N ALA A 156 -3.23 12.72 1.69
CA ALA A 156 -4.05 11.52 1.94
C ALA A 156 -5.41 11.61 1.32
N HIS A 157 -5.83 10.52 0.62
CA HIS A 157 -7.20 10.49 0.09
C HIS A 157 -7.81 9.19 0.59
N PHE A 158 -8.76 9.26 1.52
CA PHE A 158 -9.29 8.01 2.04
C PHE A 158 -10.10 7.30 0.98
N MET A 159 -9.96 5.97 0.93
CA MET A 159 -10.68 5.12 -0.03
C MET A 159 -11.00 3.81 0.63
N ALA A 160 -11.81 3.94 1.68
CA ALA A 160 -12.22 2.79 2.47
C ALA A 160 -12.86 1.70 1.64
N GLY A 161 -12.60 0.46 2.03
CA GLY A 161 -13.35 -0.67 1.43
C GLY A 161 -12.50 -1.92 1.63
N HIS A 162 -11.38 -1.99 0.93
CA HIS A 162 -10.47 -3.11 1.10
C HIS A 162 -10.07 -3.32 2.57
N THR A 163 -9.72 -2.22 3.24
CA THR A 163 -9.78 -2.12 4.69
C THR A 163 -10.49 -0.82 4.97
N PRO A 164 -11.02 -0.69 6.20
CA PRO A 164 -11.65 0.59 6.55
C PRO A 164 -10.70 1.79 6.39
N GLY A 165 -9.42 1.51 6.62
CA GLY A 165 -8.43 2.59 6.64
C GLY A 165 -7.68 2.73 5.31
N SER A 166 -8.11 2.06 4.26
CA SER A 166 -7.43 2.18 2.93
C SER A 166 -7.29 3.63 2.47
N THR A 167 -6.07 3.98 2.01
CA THR A 167 -5.73 5.38 1.71
C THR A 167 -5.00 5.41 0.37
N ALA A 168 -5.33 6.37 -0.51
CA ALA A 168 -4.41 6.69 -1.62
C ALA A 168 -3.51 7.85 -1.17
N TRP A 169 -2.24 7.80 -1.55
CA TRP A 169 -1.34 8.92 -1.31
C TRP A 169 -0.96 9.55 -2.63
N THR A 170 -1.01 10.88 -2.69
CA THR A 170 -0.57 11.54 -3.94
C THR A 170 0.51 12.57 -3.65
N TRP A 171 1.43 12.72 -4.63
CA TRP A 171 2.45 13.77 -4.55
C TRP A 171 2.92 14.10 -5.95
N THR A 172 3.58 15.25 -6.05
CA THR A 172 4.08 15.69 -7.35
C THR A 172 5.58 15.62 -7.31
N ASP A 173 6.15 14.82 -8.24
CA ASP A 173 7.58 14.72 -8.45
C ASP A 173 7.87 15.36 -9.80
N THR A 174 9.05 15.14 -10.33
CA THR A 174 9.42 15.69 -11.62
C THR A 174 10.09 14.66 -12.48
N ARG A 175 10.06 14.91 -13.79
CA ARG A 175 10.91 14.16 -14.68
C ARG A 175 10.98 15.01 -15.95
N ASN A 176 12.22 15.10 -16.42
CA ASN A 176 12.53 15.94 -17.57
C ASN A 176 12.13 17.39 -17.35
N GLY A 177 12.18 17.84 -16.11
CA GLY A 177 11.89 19.22 -15.81
C GLY A 177 10.41 19.50 -15.73
N LYS A 178 9.57 18.48 -15.94
CA LYS A 178 8.15 18.71 -15.86
C LYS A 178 7.54 17.92 -14.71
N PRO A 179 6.46 18.47 -14.16
CA PRO A 179 5.84 17.86 -12.99
C PRO A 179 5.26 16.46 -13.38
N VAL A 180 5.32 15.51 -12.45
CA VAL A 180 4.70 14.21 -12.62
C VAL A 180 3.85 14.00 -11.38
N ARG A 181 2.54 14.05 -11.55
CA ARG A 181 1.61 13.81 -10.45
C ARG A 181 1.42 12.32 -10.21
N ILE A 182 2.01 11.83 -9.14
CA ILE A 182 2.03 10.38 -8.85
C ILE A 182 0.87 10.04 -7.90
N ALA A 183 0.10 9.02 -8.25
CA ALA A 183 -0.99 8.59 -7.39
C ALA A 183 -0.68 7.16 -6.96
N TYR A 184 -0.49 6.96 -5.67
CA TYR A 184 -0.29 5.61 -5.13
C TYR A 184 -1.65 5.16 -4.54
N ALA A 185 -2.44 4.46 -5.35
CA ALA A 185 -3.83 4.16 -4.96
C ALA A 185 -3.83 2.81 -4.31
N ASP A 186 -4.61 2.66 -3.26
CA ASP A 186 -4.68 1.37 -2.59
C ASP A 186 -5.46 0.35 -3.37
N SER A 187 -5.41 -0.88 -2.86
CA SER A 187 -6.21 -1.99 -3.36
C SER A 187 -7.70 -1.69 -3.34
N LEU A 188 -8.38 -2.19 -4.36
CA LEU A 188 -9.85 -2.04 -4.49
C LEU A 188 -10.48 -3.43 -4.60
N SER A 189 -9.72 -4.44 -4.22
CA SER A 189 -10.16 -5.83 -4.28
C SER A 189 -10.97 -6.17 -3.05
N ALA A 190 -11.71 -7.27 -3.11
CA ALA A 190 -12.45 -7.69 -1.91
C ALA A 190 -12.33 -9.20 -1.81
N PRO A 191 -11.10 -9.72 -1.59
CA PRO A 191 -10.83 -11.15 -1.75
C PRO A 191 -11.54 -12.07 -0.77
N GLY A 192 -12.54 -12.81 -1.25
CA GLY A 192 -13.33 -13.69 -0.37
C GLY A 192 -14.23 -12.97 0.63
N TYR A 193 -14.39 -11.64 0.45
CA TYR A 193 -15.19 -10.87 1.41
C TYR A 193 -16.67 -11.15 1.25
N GLN A 194 -17.40 -11.18 2.37
CA GLN A 194 -18.86 -11.04 2.33
C GLN A 194 -19.18 -9.57 2.18
N LEU A 195 -19.77 -9.23 1.04
CA LEU A 195 -19.99 -7.84 0.67
C LEU A 195 -21.32 -7.34 1.23
N GLN A 196 -22.40 -8.13 1.07
CA GLN A 196 -23.76 -7.68 1.45
C GLN A 196 -24.11 -8.12 2.86
N GLY A 197 -24.64 -7.19 3.67
CA GLY A 197 -25.17 -7.54 4.97
C GLY A 197 -24.09 -8.08 5.89
N ASN A 198 -22.87 -7.56 5.75
CA ASN A 198 -21.76 -8.01 6.58
C ASN A 198 -21.86 -7.31 7.94
N PRO A 199 -22.06 -8.04 9.05
CA PRO A 199 -22.33 -7.35 10.32
C PRO A 199 -21.10 -6.58 10.83
N ARG A 200 -19.91 -6.98 10.41
CA ARG A 200 -18.71 -6.27 10.82
C ARG A 200 -18.44 -5.04 9.93
N TYR A 201 -19.13 -4.92 8.80
CA TYR A 201 -18.89 -3.77 7.90
C TYR A 201 -20.18 -3.48 7.15
N PRO A 202 -21.15 -2.92 7.83
CA PRO A 202 -22.50 -2.81 7.23
C PRO A 202 -22.57 -1.92 6.02
N HIS A 203 -21.69 -0.90 5.91
CA HIS A 203 -21.79 0.01 4.77
C HIS A 203 -20.67 -0.31 3.77
N LEU A 204 -20.21 -1.57 3.74
CA LEU A 204 -19.08 -1.95 2.88
C LEU A 204 -19.34 -1.52 1.44
N ILE A 205 -20.51 -1.81 0.90
CA ILE A 205 -20.72 -1.58 -0.53
C ILE A 205 -20.71 -0.07 -0.83
N GLU A 206 -21.39 0.74 -0.01
CA GLU A 206 -21.38 2.18 -0.19
C GLU A 206 -19.95 2.74 -0.13
N ASP A 207 -19.13 2.21 0.77
CA ASP A 207 -17.75 2.70 0.88
C ASP A 207 -16.96 2.35 -0.39
N TYR A 208 -17.07 1.10 -0.85
CA TYR A 208 -16.41 0.78 -2.12
C TYR A 208 -16.87 1.67 -3.27
N ARG A 209 -18.18 1.94 -3.40
CA ARG A 209 -18.60 2.79 -4.52
C ARG A 209 -18.00 4.18 -4.44
N ARG A 210 -17.94 4.70 -3.24
CA ARG A 210 -17.39 6.02 -3.03
C ARG A 210 -15.91 5.99 -3.37
N SER A 211 -15.23 4.93 -2.97
CA SER A 211 -13.79 4.76 -3.25
C SER A 211 -13.51 4.65 -4.73
N PHE A 212 -14.35 3.94 -5.50
CA PHE A 212 -14.12 3.97 -6.96
C PHE A 212 -14.12 5.41 -7.51
N ALA A 213 -15.04 6.23 -7.03
CA ALA A 213 -15.15 7.62 -7.52
C ALA A 213 -13.93 8.44 -7.08
N THR A 214 -13.47 8.20 -5.85
CA THR A 214 -12.26 8.87 -5.33
C THR A 214 -11.07 8.55 -6.20
N VAL A 215 -10.89 7.28 -6.46
CA VAL A 215 -9.73 6.89 -7.27
C VAL A 215 -9.78 7.46 -8.70
N ARG A 216 -10.97 7.43 -9.33
CA ARG A 216 -11.17 7.96 -10.70
C ARG A 216 -10.74 9.42 -10.78
N ALA A 217 -10.96 10.16 -9.71
CA ALA A 217 -10.73 11.61 -9.72
C ALA A 217 -9.33 12.03 -9.21
N LEU A 218 -8.45 11.09 -8.84
CA LEU A 218 -7.14 11.51 -8.28
C LEU A 218 -6.30 12.25 -9.30
N PRO A 219 -5.44 13.18 -8.84
CA PRO A 219 -4.42 13.75 -9.73
C PRO A 219 -3.48 12.62 -10.10
N CYS A 220 -3.33 12.31 -11.38
CA CYS A 220 -2.82 10.99 -11.72
C CYS A 220 -2.11 10.92 -13.08
N ASP A 221 -0.93 11.54 -13.20
CA ASP A 221 -0.11 11.31 -14.40
C ASP A 221 0.44 9.88 -14.41
N VAL A 222 0.76 9.37 -13.22
CA VAL A 222 1.29 8.01 -13.10
C VAL A 222 0.60 7.32 -11.91
N LEU A 223 0.00 6.16 -12.17
CA LEU A 223 -0.63 5.34 -11.11
C LEU A 223 0.30 4.23 -10.69
N LEU A 224 0.47 4.04 -9.39
CA LEU A 224 1.18 2.90 -8.78
C LEU A 224 0.19 2.27 -7.79
N THR A 225 0.31 0.94 -7.60
CA THR A 225 -0.55 0.24 -6.65
C THR A 225 0.27 -0.71 -5.81
N PRO A 226 -0.25 -1.07 -4.63
CA PRO A 226 0.51 -1.93 -3.71
C PRO A 226 0.86 -3.28 -4.32
N HIS A 227 -0.07 -3.88 -5.06
CA HIS A 227 0.26 -4.99 -5.93
C HIS A 227 0.40 -4.42 -7.34
N PRO A 228 1.63 -4.43 -7.89
CA PRO A 228 1.83 -3.73 -9.15
C PRO A 228 0.97 -4.23 -10.30
N GLY A 229 0.66 -5.53 -10.30
CA GLY A 229 -0.17 -6.06 -11.37
C GLY A 229 -1.56 -5.43 -11.42
N ALA A 230 -2.04 -4.92 -10.29
CA ALA A 230 -3.35 -4.29 -10.29
C ALA A 230 -3.42 -3.06 -11.21
N SER A 231 -2.26 -2.40 -11.41
CA SER A 231 -2.23 -1.23 -12.28
C SER A 231 -1.40 -1.51 -13.53
N ASN A 232 -1.14 -2.80 -13.78
CA ASN A 232 -0.37 -3.25 -14.95
C ASN A 232 1.05 -2.81 -15.02
N TRP A 233 1.63 -2.59 -13.86
CA TRP A 233 3.08 -2.44 -13.75
C TRP A 233 3.74 -3.80 -13.80
N ASP A 234 4.95 -3.86 -14.37
CA ASP A 234 5.77 -5.05 -14.36
C ASP A 234 7.16 -4.65 -13.88
N TYR A 235 7.42 -4.71 -12.58
CA TYR A 235 8.69 -4.20 -12.04
C TYR A 235 9.92 -4.94 -12.58
N ALA A 236 9.71 -6.15 -13.09
CA ALA A 236 10.85 -6.88 -13.64
C ALA A 236 11.17 -6.47 -15.10
N ALA A 237 10.37 -5.58 -15.69
CA ALA A 237 10.50 -5.29 -17.14
C ALA A 237 11.42 -4.08 -17.47
N GLY A 238 12.19 -3.64 -16.48
CA GLY A 238 13.21 -2.62 -16.68
C GLY A 238 12.67 -1.29 -17.17
N ALA A 239 13.16 -0.88 -18.35
CA ALA A 239 12.82 0.43 -18.89
C ALA A 239 11.36 0.47 -19.34
N ARG A 240 10.75 -0.70 -19.44
N ARG A 240 10.74 -0.69 -19.42
CA ARG A 240 9.34 -0.80 -19.83
CA ARG A 240 9.34 -0.80 -19.82
C ARG A 240 8.45 -1.14 -18.66
C ARG A 240 8.45 -1.16 -18.66
N ALA A 241 8.99 -1.10 -17.44
CA ALA A 241 8.20 -1.51 -16.26
C ALA A 241 6.86 -0.83 -16.15
N GLY A 242 6.82 0.47 -16.41
CA GLY A 242 5.59 1.22 -16.26
C GLY A 242 4.84 1.46 -17.58
N ALA A 243 5.32 0.89 -18.66
CA ALA A 243 4.80 1.25 -19.97
C ALA A 243 3.32 0.97 -20.12
N LYS A 244 2.89 -0.15 -19.54
CA LYS A 244 1.48 -0.57 -19.75
C LYS A 244 0.60 -0.12 -18.61
N ALA A 245 1.13 0.70 -17.69
CA ALA A 245 0.32 1.09 -16.51
C ALA A 245 -1.02 1.71 -16.93
N LEU A 246 -2.04 1.31 -16.17
CA LEU A 246 -3.38 1.91 -16.25
C LEU A 246 -3.41 3.35 -15.78
N THR A 247 -4.35 4.12 -16.31
CA THR A 247 -4.76 5.37 -15.65
C THR A 247 -5.52 5.06 -14.36
N CYS A 248 -5.59 6.07 -13.50
CA CYS A 248 -6.44 5.93 -12.31
C CYS A 248 -7.91 5.64 -12.74
N LYS A 249 -8.37 6.29 -13.78
CA LYS A 249 -9.74 6.09 -14.28
C LYS A 249 -9.94 4.63 -14.70
N ALA A 250 -8.99 4.07 -15.43
CA ALA A 250 -9.12 2.71 -15.93
C ALA A 250 -9.05 1.71 -14.75
N TYR A 251 -8.20 2.01 -13.78
CA TYR A 251 -8.02 1.16 -12.62
C TYR A 251 -9.34 1.10 -11.83
N ALA A 252 -9.91 2.28 -11.62
CA ALA A 252 -11.19 2.36 -10.88
C ALA A 252 -12.29 1.66 -11.65
N ASP A 253 -12.36 1.87 -12.96
CA ASP A 253 -13.42 1.26 -13.75
C ASP A 253 -13.29 -0.30 -13.69
N ALA A 254 -12.07 -0.80 -13.83
CA ALA A 254 -11.87 -2.24 -13.83
C ALA A 254 -12.24 -2.83 -12.47
N ALA A 255 -11.90 -2.12 -11.37
CA ALA A 255 -12.16 -2.60 -10.01
C ALA A 255 -13.68 -2.61 -9.80
N GLU A 256 -14.36 -1.60 -10.33
CA GLU A 256 -15.80 -1.51 -10.12
C GLU A 256 -16.52 -2.63 -10.89
N GLN A 257 -16.07 -2.89 -12.11
CA GLN A 257 -16.68 -3.97 -12.90
C GLN A 257 -16.45 -5.30 -12.22
N LYS A 258 -15.24 -5.53 -11.73
CA LYS A 258 -14.97 -6.76 -10.98
C LYS A 258 -15.87 -6.88 -9.71
N PHE A 259 -15.98 -5.78 -8.99
CA PHE A 259 -16.78 -5.70 -7.77
C PHE A 259 -18.25 -6.02 -8.08
N ASP A 260 -18.80 -5.41 -9.14
CA ASP A 260 -20.18 -5.72 -9.54
C ASP A 260 -20.36 -7.19 -9.89
N GLY A 261 -19.35 -7.79 -10.53
CA GLY A 261 -19.41 -9.23 -10.82
C GLY A 261 -19.45 -10.04 -9.52
N GLN A 262 -18.65 -9.63 -8.55
CA GLN A 262 -18.53 -10.36 -7.28
C GLN A 262 -19.87 -10.25 -6.54
N LEU A 263 -20.49 -9.08 -6.59
CA LEU A 263 -21.78 -8.92 -5.92
C LEU A 263 -22.78 -9.85 -6.52
N ALA A 264 -22.84 -9.88 -7.86
CA ALA A 264 -23.79 -10.78 -8.53
C ALA A 264 -23.53 -12.22 -8.19
N LYS A 265 -22.26 -12.60 -8.16
CA LYS A 265 -21.92 -13.97 -7.77
C LYS A 265 -22.32 -14.26 -6.31
N GLU A 266 -22.16 -13.29 -5.42
CA GLU A 266 -22.49 -13.50 -4.01
C GLU A 266 -23.99 -13.75 -3.89
N THR A 267 -24.77 -12.92 -4.58
CA THR A 267 -26.23 -13.11 -4.63
C THR A 267 -26.59 -14.49 -5.16
N ALA A 268 -25.87 -14.97 -6.16
CA ALA A 268 -26.15 -16.29 -6.70
C ALA A 268 -25.65 -17.43 -5.78
N GLY A 269 -24.72 -17.18 -4.89
CA GLY A 269 -24.17 -18.26 -4.10
C GLY A 269 -24.67 -18.21 -2.67
C12 3C7 B . -3.98 -10.99 -3.30
O11 3C7 B . -6.48 -10.13 -3.86
C09 3C7 B . -5.82 -9.37 -3.15
O10 3C7 B . -6.05 -8.19 -3.01
C08 3C7 B . -4.55 -9.88 -2.46
N07 3C7 B . -4.84 -10.34 -1.08
C03 3C7 B . -3.80 -10.06 -0.05
C02 3C7 B . -4.26 -8.96 0.88
S01 3C7 B . -4.04 -7.41 0.05
S13 3C7 B . -4.06 -12.38 -2.21
C06 3C7 B . -5.23 -11.75 -1.06
C05 3C7 B . -5.19 -12.18 0.41
S04 3C7 B . -3.66 -11.51 0.91
S SO4 C . 3.35 18.95 7.85
O1 SO4 C . 4.13 19.96 8.56
O2 SO4 C . 4.05 17.68 7.97
O3 SO4 C . 2.00 18.89 8.44
O4 SO4 C . 3.22 19.35 6.45
ZN ZN D . -1.90 -7.06 -0.44
ZN ZN E . -4.96 -6.20 1.75
#